data_6A24
#
_entry.id   6A24
#
_cell.length_a   138.096
_cell.length_b   138.096
_cell.length_c   111.203
_cell.angle_alpha   90.00
_cell.angle_beta   90.00
_cell.angle_gamma   90.00
#
_symmetry.space_group_name_H-M   'I 4 2 2'
#
loop_
_entity.id
_entity.type
_entity.pdbx_description
1 polymer '4-hydroxymandelate oxidase'
2 non-polymer 'FLAVIN MONONUCLEOTIDE'
3 non-polymer 'PYRUVIC ACID'
4 non-polymer 'FLUORIDE ION'
5 water water
#
_entity_poly.entity_id   1
_entity_poly.type   'polypeptide(L)'
_entity_poly.pdbx_seq_one_letter_code
;MGSSHHHHHHSSGLVPRGSHMTYVSLADLERAARDVLPGEIFDFLAGGSGTEASLVANRTALERVFVIPRMLRDLTDVTT
EIDIFGRRAALPMAVAPVAYQRLFHPEGELAVARAARDAGVPYTICTLSSVSLEEIAAVGGRPWFQLYWLRDEKRSLDLV
RRAEDAGCEAIVFTVDVPWMGRRLRDMRNGFALPEWVTAANFDAGTAAHRRTQGVSAVADHTAREFAPATWESVEAVRAH
TDLPVVLKGILAVEDARRAVDAGAGGIVVSNHGGRQLDGAVPGIEMLGEIVAAVSGGCEVLVDGGIRSGGDVLKATALGA
SAVLVGRPVMWALAAAGQDGVRQLLELLAEEVRDAMGLAGCESVGAARRLNTKLGVV
;
_entity_poly.pdbx_strand_id   A
#
# COMPACT_ATOMS: atom_id res chain seq x y z
N TYR A 23 -21.68 8.08 0.39
CA TYR A 23 -21.00 7.14 -0.49
C TYR A 23 -21.39 5.70 -0.16
N VAL A 24 -21.75 4.94 -1.18
CA VAL A 24 -22.15 3.54 -0.96
C VAL A 24 -21.15 2.57 -1.59
N SER A 25 -20.17 3.10 -2.30
CA SER A 25 -19.08 2.30 -2.86
C SER A 25 -17.83 3.18 -3.00
N LEU A 26 -16.68 2.55 -3.12
CA LEU A 26 -15.43 3.30 -3.30
C LEU A 26 -15.45 4.06 -4.62
N ALA A 27 -16.16 3.52 -5.60
CA ALA A 27 -16.27 4.17 -6.91
C ALA A 27 -16.90 5.55 -6.80
N ASP A 28 -17.82 5.73 -5.85
CA ASP A 28 -18.41 7.04 -5.59
C ASP A 28 -17.32 8.06 -5.28
N LEU A 29 -16.29 7.61 -4.57
CA LEU A 29 -15.22 8.51 -4.13
C LEU A 29 -14.31 8.92 -5.28
N GLU A 30 -14.05 8.01 -6.22
CA GLU A 30 -13.20 8.38 -7.35
C GLU A 30 -13.85 9.49 -8.16
N ARG A 31 -15.16 9.42 -8.30
CA ARG A 31 -15.93 10.42 -9.04
C ARG A 31 -15.77 11.77 -8.33
N ALA A 32 -15.98 11.77 -7.03
CA ALA A 32 -15.81 12.97 -6.22
C ALA A 32 -14.42 13.57 -6.34
N ALA A 33 -13.39 12.71 -6.33
CA ALA A 33 -12.02 13.19 -6.41
C ALA A 33 -11.68 13.78 -7.79
N ARG A 34 -12.21 13.18 -8.85
CA ARG A 34 -11.93 13.69 -10.19
C ARG A 34 -12.50 15.11 -10.34
N ASP A 35 -13.67 15.32 -9.73
CA ASP A 35 -14.30 16.64 -9.73
C ASP A 35 -13.39 17.73 -9.17
N VAL A 36 -12.77 17.45 -8.03
CA VAL A 36 -12.07 18.50 -7.29
C VAL A 36 -10.60 18.70 -7.64
N LEU A 37 -9.88 17.62 -7.93
CA LEU A 37 -8.45 17.74 -8.16
C LEU A 37 -8.12 18.35 -9.53
N PRO A 38 -7.05 19.13 -9.58
CA PRO A 38 -6.47 19.61 -10.85
C PRO A 38 -6.10 18.41 -11.72
N GLY A 39 -6.29 18.55 -13.03
CA GLY A 39 -6.05 17.45 -13.96
C GLY A 39 -4.73 16.73 -13.80
N GLU A 40 -3.63 17.46 -13.70
CA GLU A 40 -2.31 16.84 -13.69
C GLU A 40 -2.09 16.07 -12.39
N ILE A 41 -2.76 16.50 -11.32
CA ILE A 41 -2.66 15.80 -10.03
C ILE A 41 -3.51 14.54 -10.04
N PHE A 42 -4.72 14.61 -10.59
CA PHE A 42 -5.51 13.40 -10.74
C PHE A 42 -4.76 12.38 -11.61
N ASP A 43 -4.10 12.86 -12.67
CA ASP A 43 -3.35 11.96 -13.56
C ASP A 43 -2.16 11.32 -12.86
N PHE A 44 -1.46 12.10 -12.05
CA PHE A 44 -0.33 11.60 -11.29
C PHE A 44 -0.82 10.48 -10.37
N LEU A 45 -2.00 10.66 -9.81
CA LEU A 45 -2.59 9.68 -8.88
C LEU A 45 -3.11 8.44 -9.61
N ALA A 46 -3.84 8.63 -10.70
CA ALA A 46 -4.56 7.56 -11.37
C ALA A 46 -3.66 6.72 -12.25
N GLY A 47 -2.65 7.34 -12.84
CA GLY A 47 -1.91 6.72 -13.92
C GLY A 47 -0.98 5.57 -13.58
N GLY A 48 -0.47 4.95 -14.63
CA GLY A 48 0.51 3.89 -14.52
C GLY A 48 1.62 4.13 -15.52
N SER A 49 2.55 3.19 -15.58
CA SER A 49 3.66 3.27 -16.53
C SER A 49 3.28 2.70 -17.90
N GLY A 50 4.05 3.10 -18.91
CA GLY A 50 3.88 2.57 -20.24
C GLY A 50 2.46 2.71 -20.79
N THR A 51 1.92 1.60 -21.27
CA THR A 51 0.57 1.57 -21.80
C THR A 51 -0.48 1.31 -20.72
N GLU A 52 -0.06 1.29 -19.45
CA GLU A 52 -0.96 1.03 -18.32
C GLU A 52 -1.56 -0.38 -18.34
N ALA A 53 -0.83 -1.32 -18.96
CA ALA A 53 -1.27 -2.71 -18.99
C ALA A 53 -1.35 -3.33 -17.61
N SER A 54 -0.36 -3.05 -16.77
CA SER A 54 -0.32 -3.67 -15.45
C SER A 54 -1.35 -3.04 -14.53
N LEU A 55 -1.60 -1.74 -14.72
CA LEU A 55 -2.64 -1.03 -13.98
C LEU A 55 -3.99 -1.68 -14.24
N VAL A 56 -4.33 -1.86 -15.52
CA VAL A 56 -5.59 -2.52 -15.88
C VAL A 56 -5.61 -3.96 -15.41
N ALA A 57 -4.49 -4.65 -15.54
CA ALA A 57 -4.46 -6.06 -15.17
C ALA A 57 -4.71 -6.27 -13.67
N ASN A 58 -4.33 -5.31 -12.84
CA ASN A 58 -4.63 -5.45 -11.41
C ASN A 58 -6.13 -5.60 -11.20
N ARG A 59 -6.92 -4.82 -11.94
CA ARG A 59 -8.36 -4.93 -11.84
C ARG A 59 -8.90 -6.19 -12.49
N THR A 60 -8.43 -6.48 -13.70
N THR A 60 -8.44 -6.51 -13.69
CA THR A 60 -8.88 -7.65 -14.42
CA THR A 60 -8.99 -7.67 -14.38
C THR A 60 -8.64 -8.91 -13.58
C THR A 60 -8.62 -8.97 -13.66
N ALA A 61 -7.47 -9.00 -12.99
CA ALA A 61 -7.08 -10.17 -12.20
C ALA A 61 -8.05 -10.40 -11.04
N LEU A 62 -8.47 -9.34 -10.35
CA LEU A 62 -9.43 -9.50 -9.26
C LEU A 62 -10.80 -9.90 -9.77
N GLU A 63 -11.19 -9.31 -10.90
CA GLU A 63 -12.52 -9.57 -11.45
C GLU A 63 -12.71 -11.01 -11.90
N ARG A 64 -11.62 -11.68 -12.25
CA ARG A 64 -11.65 -13.08 -12.66
C ARG A 64 -11.76 -14.08 -11.51
N VAL A 65 -11.50 -13.63 -10.29
CA VAL A 65 -11.54 -14.51 -9.13
C VAL A 65 -12.95 -14.54 -8.57
N PHE A 66 -13.48 -15.74 -8.36
CA PHE A 66 -14.77 -15.89 -7.70
C PHE A 66 -14.60 -16.69 -6.43
N VAL A 67 -15.33 -16.30 -5.39
CA VAL A 67 -15.27 -16.98 -4.11
C VAL A 67 -16.31 -18.10 -4.05
N ILE A 68 -15.96 -19.22 -3.44
CA ILE A 68 -16.93 -20.27 -3.17
C ILE A 68 -17.32 -20.13 -1.68
N PRO A 69 -18.46 -19.49 -1.42
CA PRO A 69 -18.81 -19.21 -0.01
C PRO A 69 -19.30 -20.46 0.71
N ARG A 70 -19.14 -20.45 2.03
CA ARG A 70 -19.69 -21.52 2.85
C ARG A 70 -20.98 -21.04 3.52
N MET A 71 -21.85 -21.98 3.82
CA MET A 71 -23.12 -21.66 4.44
C MET A 71 -23.26 -22.33 5.79
N LEU A 72 -24.19 -21.82 6.59
CA LEU A 72 -24.69 -22.52 7.77
C LEU A 72 -23.67 -22.61 8.91
N ARG A 73 -22.74 -21.66 8.93
CA ARG A 73 -21.76 -21.58 10.01
C ARG A 73 -22.17 -20.55 11.03
N ASP A 74 -21.66 -20.70 12.24
CA ASP A 74 -21.96 -19.77 13.32
C ASP A 74 -21.43 -18.37 13.01
N LEU A 75 -22.31 -17.39 13.00
CA LEU A 75 -21.93 -16.01 12.74
C LEU A 75 -22.35 -15.12 13.90
N THR A 76 -22.39 -15.66 15.11
N THR A 76 -22.40 -15.68 15.10
CA THR A 76 -22.85 -14.87 16.25
CA THR A 76 -22.80 -14.92 16.27
C THR A 76 -21.86 -13.79 16.70
C THR A 76 -21.90 -13.71 16.47
N ASP A 77 -20.60 -13.92 16.30
CA ASP A 77 -19.60 -12.91 16.61
C ASP A 77 -18.59 -12.75 15.48
N VAL A 78 -19.05 -12.30 14.33
CA VAL A 78 -18.14 -12.11 13.20
C VAL A 78 -17.15 -11.03 13.61
N THR A 79 -15.86 -11.31 13.42
CA THR A 79 -14.82 -10.32 13.69
C THR A 79 -13.91 -10.21 12.48
N THR A 80 -13.64 -8.98 12.09
CA THR A 80 -12.74 -8.69 10.98
C THR A 80 -11.30 -8.39 11.44
N GLU A 81 -11.03 -8.57 12.72
CA GLU A 81 -9.73 -8.22 13.27
C GLU A 81 -8.64 -9.20 12.91
N ILE A 82 -7.42 -8.69 12.85
CA ILE A 82 -6.24 -9.55 12.72
C ILE A 82 -5.18 -9.08 13.69
N ASP A 83 -4.23 -9.96 13.98
CA ASP A 83 -3.01 -9.58 14.65
C ASP A 83 -1.91 -9.60 13.62
N ILE A 84 -1.17 -8.50 13.52
CA ILE A 84 -0.07 -8.43 12.56
C ILE A 84 1.02 -7.52 13.10
N PHE A 85 2.26 -8.00 13.01
CA PHE A 85 3.44 -7.27 13.50
C PHE A 85 3.26 -6.83 14.95
N GLY A 86 2.61 -7.67 15.74
CA GLY A 86 2.48 -7.43 17.18
C GLY A 86 1.31 -6.55 17.61
N ARG A 87 0.49 -6.10 16.67
CA ARG A 87 -0.65 -5.26 17.03
C ARG A 87 -1.95 -5.85 16.47
N ARG A 88 -3.05 -5.61 17.14
CA ARG A 88 -4.37 -5.94 16.64
C ARG A 88 -4.78 -4.84 15.69
N ALA A 89 -5.25 -5.20 14.49
CA ALA A 89 -5.79 -4.25 13.52
C ALA A 89 -7.27 -4.56 13.35
N ALA A 90 -8.08 -3.53 13.08
CA ALA A 90 -9.54 -3.70 13.02
C ALA A 90 -10.02 -4.45 11.79
N LEU A 91 -9.19 -4.47 10.76
CA LEU A 91 -9.51 -5.08 9.47
C LEU A 91 -8.21 -5.68 8.95
N PRO A 92 -8.30 -6.61 7.99
CA PRO A 92 -7.10 -7.14 7.34
C PRO A 92 -6.67 -6.18 6.23
N MET A 93 -6.38 -4.94 6.63
CA MET A 93 -6.10 -3.89 5.69
CA MET A 93 -6.08 -3.89 5.68
C MET A 93 -5.24 -2.80 6.34
N ALA A 94 -4.35 -2.20 5.56
CA ALA A 94 -3.60 -1.02 5.98
C ALA A 94 -3.63 0.00 4.85
N VAL A 95 -3.40 1.27 5.18
CA VAL A 95 -3.26 2.30 4.16
C VAL A 95 -1.88 2.15 3.52
N ALA A 96 -1.87 1.99 2.20
CA ALA A 96 -0.61 1.86 1.47
C ALA A 96 0.20 3.14 1.55
N PRO A 97 1.53 3.04 1.45
CA PRO A 97 2.35 4.25 1.32
C PRO A 97 2.01 4.98 0.03
N VAL A 98 1.68 6.27 0.16
CA VAL A 98 1.46 7.14 -1.00
C VAL A 98 2.20 8.43 -0.71
N ALA A 99 3.23 8.75 -1.52
CA ALA A 99 4.02 9.96 -1.30
C ALA A 99 3.20 11.24 -1.42
N TYR A 100 3.67 12.29 -0.72
CA TYR A 100 3.23 13.67 -1.01
C TYR A 100 1.72 13.90 -0.88
N GLN A 101 1.15 13.52 0.26
CA GLN A 101 -0.31 13.54 0.38
C GLN A 101 -0.91 14.96 0.39
N ARG A 102 -0.06 15.96 0.64
CA ARG A 102 -0.51 17.34 0.56
C ARG A 102 -0.87 17.73 -0.88
N LEU A 103 -0.48 16.90 -1.84
CA LEU A 103 -0.93 17.08 -3.21
C LEU A 103 -2.46 17.04 -3.30
N PHE A 104 -3.10 16.28 -2.41
CA PHE A 104 -4.53 15.96 -2.53
C PHE A 104 -5.44 16.74 -1.57
N HIS A 105 -4.87 17.23 -0.48
CA HIS A 105 -5.63 18.00 0.51
C HIS A 105 -4.63 18.73 1.39
N PRO A 106 -4.98 19.94 1.87
CA PRO A 106 -4.01 20.68 2.68
C PRO A 106 -3.56 19.99 3.97
N GLU A 107 -4.40 19.14 4.54
CA GLU A 107 -4.01 18.46 5.77
C GLU A 107 -3.17 17.21 5.48
N GLY A 108 -3.17 16.79 4.21
CA GLY A 108 -2.33 15.69 3.74
C GLY A 108 -2.30 14.48 4.66
N GLU A 109 -1.08 14.08 5.03
CA GLU A 109 -0.87 12.87 5.80
C GLU A 109 -1.52 12.91 7.18
N LEU A 110 -1.64 14.11 7.77
CA LEU A 110 -2.24 14.17 9.09
C LEU A 110 -3.72 13.76 9.07
N ALA A 111 -4.43 14.20 8.03
CA ALA A 111 -5.84 13.83 7.88
C ALA A 111 -5.99 12.30 7.71
N VAL A 112 -5.15 11.73 6.87
CA VAL A 112 -5.26 10.30 6.61
C VAL A 112 -4.87 9.50 7.86
N ALA A 113 -3.79 9.88 8.53
CA ALA A 113 -3.34 9.15 9.70
C ALA A 113 -4.36 9.22 10.85
N ARG A 114 -4.98 10.38 11.02
CA ARG A 114 -6.02 10.50 12.05
C ARG A 114 -7.20 9.57 11.80
N ALA A 115 -7.67 9.55 10.55
CA ALA A 115 -8.77 8.65 10.18
C ALA A 115 -8.39 7.17 10.35
N ALA A 116 -7.18 6.82 9.91
CA ALA A 116 -6.71 5.45 10.07
C ALA A 116 -6.64 5.04 11.52
N ARG A 117 -6.08 5.92 12.37
CA ARG A 117 -6.02 5.68 13.79
C ARG A 117 -7.42 5.41 14.37
N ASP A 118 -8.35 6.28 14.01
CA ASP A 118 -9.70 6.19 14.58
C ASP A 118 -10.40 4.90 14.13
N ALA A 119 -10.07 4.43 12.93
CA ALA A 119 -10.64 3.21 12.36
C ALA A 119 -9.92 1.95 12.82
N GLY A 120 -8.79 2.09 13.50
CA GLY A 120 -8.02 0.94 13.94
C GLY A 120 -7.23 0.27 12.82
N VAL A 121 -6.92 1.00 11.76
CA VAL A 121 -6.22 0.51 10.57
CA VAL A 121 -6.12 0.36 10.72
C VAL A 121 -4.79 1.04 10.57
N PRO A 122 -3.77 0.21 10.36
CA PRO A 122 -2.41 0.76 10.26
C PRO A 122 -2.27 1.73 9.09
N TYR A 123 -1.45 2.77 9.31
CA TYR A 123 -1.16 3.79 8.33
C TYR A 123 0.32 3.72 8.01
N THR A 124 0.68 3.72 6.74
CA THR A 124 2.10 3.69 6.36
C THR A 124 2.64 5.10 6.07
N ILE A 125 3.54 5.57 6.94
CA ILE A 125 4.20 6.86 6.74
C ILE A 125 5.31 6.69 5.71
N CYS A 126 5.34 7.60 4.75
CA CYS A 126 6.30 7.52 3.63
C CYS A 126 7.62 8.24 3.85
N THR A 127 8.67 7.69 3.29
CA THR A 127 9.93 8.40 3.18
C THR A 127 9.74 9.78 2.53
N LEU A 128 8.90 9.86 1.51
CA LEU A 128 8.61 11.12 0.84
C LEU A 128 7.29 11.71 1.32
N SER A 129 7.04 11.63 2.62
CA SER A 129 5.86 12.30 3.18
C SER A 129 6.01 13.82 3.11
N SER A 130 4.88 14.50 2.92
CA SER A 130 4.87 15.97 2.87
C SER A 130 4.67 16.64 4.24
N VAL A 131 4.54 15.82 5.27
CA VAL A 131 4.57 16.23 6.66
C VAL A 131 5.57 15.31 7.32
N SER A 132 6.37 15.80 8.26
CA SER A 132 7.44 14.98 8.82
C SER A 132 6.94 13.70 9.49
N LEU A 133 7.76 12.65 9.40
CA LEU A 133 7.37 11.38 9.98
C LEU A 133 7.09 11.47 11.48
N GLU A 134 7.81 12.33 12.19
CA GLU A 134 7.57 12.47 13.63
C GLU A 134 6.21 13.10 13.90
N GLU A 135 5.84 14.10 13.11
CA GLU A 135 4.51 14.71 13.27
C GLU A 135 3.41 13.68 13.00
N ILE A 136 3.56 12.88 11.94
CA ILE A 136 2.51 11.93 11.62
C ILE A 136 2.46 10.85 12.68
N ALA A 137 3.61 10.39 13.17
CA ALA A 137 3.63 9.39 14.22
C ALA A 137 2.94 9.89 15.51
N ALA A 138 3.05 11.21 15.76
CA ALA A 138 2.47 11.81 16.96
C ALA A 138 0.94 11.74 16.97
N VAL A 139 0.34 11.54 15.80
CA VAL A 139 -1.09 11.31 15.71
C VAL A 139 -1.50 10.07 16.52
N GLY A 140 -0.59 9.10 16.60
CA GLY A 140 -0.87 7.86 17.33
C GLY A 140 -1.23 6.74 16.37
N GLY A 141 -2.05 5.81 16.82
CA GLY A 141 -2.49 4.72 15.94
C GLY A 141 -1.43 3.70 15.54
N ARG A 142 -0.33 3.58 16.28
CA ARG A 142 0.72 2.59 15.90
C ARG A 142 1.02 2.37 14.37
N PRO A 143 1.55 3.40 13.67
CA PRO A 143 1.96 3.57 12.27
C PRO A 143 3.12 2.66 11.83
N TRP A 144 3.18 2.43 10.51
CA TRP A 144 4.32 1.77 9.89
C TRP A 144 5.14 2.83 9.16
N PHE A 145 6.38 2.51 8.79
CA PHE A 145 7.20 3.45 8.03
C PHE A 145 7.75 2.81 6.75
N GLN A 146 7.51 3.48 5.64
CA GLN A 146 7.98 3.02 4.33
C GLN A 146 9.33 3.64 4.05
N LEU A 147 10.26 2.79 3.64
CA LEU A 147 11.64 3.19 3.37
C LEU A 147 11.98 3.12 1.90
N TYR A 148 12.55 4.17 1.35
CA TYR A 148 13.30 4.11 0.10
C TYR A 148 14.79 4.13 0.43
N TRP A 149 15.54 3.33 -0.32
CA TRP A 149 16.99 3.34 -0.25
C TRP A 149 17.53 4.52 -1.05
N LEU A 150 18.32 5.34 -0.37
CA LEU A 150 18.82 6.57 -0.97
C LEU A 150 20.30 6.44 -1.30
N ARG A 151 20.75 7.29 -2.23
CA ARG A 151 22.15 7.30 -2.65
C ARG A 151 23.07 7.40 -1.44
N ASP A 152 22.73 8.25 -0.48
CA ASP A 152 23.45 8.24 0.78
C ASP A 152 22.81 7.25 1.73
N GLU A 153 23.43 6.07 1.84
CA GLU A 153 22.93 4.99 2.69
C GLU A 153 22.64 5.43 4.13
N LYS A 154 23.50 6.28 4.68
CA LYS A 154 23.37 6.71 6.06
C LYS A 154 22.05 7.45 6.29
N ARG A 155 21.59 8.19 5.28
CA ARG A 155 20.31 8.90 5.37
C ARG A 155 19.15 7.89 5.50
N SER A 156 19.17 6.84 4.68
CA SER A 156 18.13 5.81 4.77
CA SER A 156 18.14 5.80 4.77
C SER A 156 18.15 5.14 6.14
N LEU A 157 19.32 4.79 6.64
CA LEU A 157 19.39 4.17 7.97
C LEU A 157 18.97 5.14 9.10
N ASP A 158 19.28 6.42 8.93
CA ASP A 158 18.83 7.43 9.87
C ASP A 158 17.31 7.53 9.87
N LEU A 159 16.68 7.41 8.70
CA LEU A 159 15.23 7.43 8.63
C LEU A 159 14.66 6.24 9.38
N VAL A 160 15.29 5.07 9.22
CA VAL A 160 14.84 3.89 9.95
C VAL A 160 14.88 4.14 11.46
N ARG A 161 15.98 4.72 11.94
CA ARG A 161 16.12 4.97 13.36
C ARG A 161 15.11 6.03 13.84
N ARG A 162 14.92 7.07 13.04
CA ARG A 162 13.90 8.07 13.37
C ARG A 162 12.53 7.45 13.47
N ALA A 163 12.21 6.57 12.52
CA ALA A 163 10.90 5.92 12.52
C ALA A 163 10.72 5.09 13.77
N GLU A 164 11.73 4.29 14.11
CA GLU A 164 11.65 3.47 15.31
C GLU A 164 11.54 4.33 16.57
N ASP A 165 12.34 5.39 16.65
CA ASP A 165 12.31 6.28 17.83
C ASP A 165 10.94 6.92 17.99
N ALA A 166 10.27 7.15 16.87
CA ALA A 166 8.97 7.82 16.87
C ALA A 166 7.78 6.88 17.12
N GLY A 167 8.05 5.58 17.24
CA GLY A 167 7.00 4.63 17.56
C GLY A 167 6.40 3.87 16.38
N CYS A 168 7.05 3.93 15.22
CA CYS A 168 6.58 3.13 14.09
C CYS A 168 6.81 1.67 14.43
N GLU A 169 5.94 0.80 13.92
CA GLU A 169 5.95 -0.60 14.36
C GLU A 169 6.43 -1.59 13.31
N ALA A 170 6.72 -1.09 12.11
CA ALA A 170 7.26 -1.94 11.05
C ALA A 170 7.96 -1.06 10.03
N ILE A 171 8.96 -1.61 9.35
CA ILE A 171 9.62 -0.92 8.27
C ILE A 171 9.21 -1.57 6.96
N VAL A 172 8.52 -0.82 6.12
CA VAL A 172 8.05 -1.32 4.83
C VAL A 172 9.08 -0.85 3.80
N PHE A 173 10.02 -1.74 3.47
CA PHE A 173 11.13 -1.40 2.57
C PHE A 173 10.65 -1.63 1.14
N THR A 174 10.49 -0.56 0.37
CA THR A 174 10.03 -0.68 -1.01
C THR A 174 11.20 -1.14 -1.87
N VAL A 175 11.03 -2.30 -2.51
CA VAL A 175 12.14 -2.93 -3.23
C VAL A 175 11.94 -2.94 -4.73
N ASP A 176 10.90 -2.27 -5.24
CA ASP A 176 10.59 -2.28 -6.67
C ASP A 176 10.81 -0.97 -7.39
N VAL A 177 11.54 -0.04 -6.73
CA VAL A 177 11.83 1.27 -7.30
C VAL A 177 13.32 1.56 -7.28
N PRO A 178 14.11 0.82 -8.10
CA PRO A 178 15.49 1.27 -8.27
C PRO A 178 15.50 2.66 -8.88
N TRP A 179 14.47 2.96 -9.67
CA TRP A 179 14.18 4.30 -10.15
C TRP A 179 12.70 4.27 -10.49
N MET A 180 12.10 5.44 -10.75
CA MET A 180 10.68 5.48 -11.08
C MET A 180 10.41 5.04 -12.52
N GLY A 181 9.32 4.29 -12.71
CA GLY A 181 8.87 3.94 -14.03
C GLY A 181 8.50 5.13 -14.92
N ARG A 182 8.25 4.83 -16.19
CA ARG A 182 7.91 5.85 -17.18
C ARG A 182 6.41 6.09 -17.24
N ARG A 183 5.95 7.14 -16.56
CA ARG A 183 4.52 7.44 -16.53
C ARG A 183 4.21 8.50 -17.57
N LEU A 184 3.61 8.05 -18.67
CA LEU A 184 3.43 8.91 -19.84
C LEU A 184 2.48 10.07 -19.56
N ARG A 185 1.51 9.87 -18.66
CA ARG A 185 0.65 11.01 -18.30
C ARG A 185 1.49 12.13 -17.67
N ASP A 186 2.38 11.76 -16.74
CA ASP A 186 3.21 12.75 -16.05
C ASP A 186 4.19 13.42 -17.01
N MET A 187 4.68 12.65 -17.97
CA MET A 187 5.61 13.19 -18.96
C MET A 187 4.89 14.18 -19.89
N ARG A 188 3.72 13.78 -20.38
CA ARG A 188 2.95 14.63 -21.28
C ARG A 188 2.52 15.91 -20.56
N ASN A 189 2.16 15.78 -19.28
CA ASN A 189 1.74 16.93 -18.49
C ASN A 189 2.91 17.80 -18.04
N GLY A 190 4.13 17.28 -18.19
CA GLY A 190 5.29 17.95 -17.62
C GLY A 190 5.07 18.16 -16.13
N PHE A 191 4.63 17.10 -15.46
CA PHE A 191 4.25 17.17 -14.05
C PHE A 191 5.41 17.56 -13.15
N ALA A 192 5.13 18.42 -12.18
CA ALA A 192 6.08 18.75 -11.13
C ALA A 192 5.29 19.06 -9.87
N LEU A 193 5.93 18.93 -8.71
CA LEU A 193 5.28 19.25 -7.45
C LEU A 193 5.04 20.75 -7.37
N PRO A 194 3.88 21.15 -6.81
CA PRO A 194 3.68 22.56 -6.51
C PRO A 194 4.68 23.02 -5.45
N GLU A 195 4.95 24.33 -5.40
CA GLU A 195 5.90 24.86 -4.45
C GLU A 195 5.54 24.54 -3.01
N TRP A 196 4.24 24.40 -2.73
CA TRP A 196 3.76 24.22 -1.37
C TRP A 196 3.79 22.76 -0.90
N VAL A 197 4.26 21.85 -1.76
CA VAL A 197 4.43 20.45 -1.38
C VAL A 197 5.91 20.10 -1.41
N THR A 198 6.44 19.63 -0.29
CA THR A 198 7.83 19.21 -0.23
C THR A 198 8.01 17.89 0.51
N ALA A 199 9.18 17.29 0.37
CA ALA A 199 9.58 16.12 1.14
C ALA A 199 10.03 16.58 2.51
N ALA A 200 9.15 16.44 3.49
CA ALA A 200 9.39 16.98 4.82
C ALA A 200 10.41 16.25 5.70
N ASN A 201 10.81 15.03 5.31
CA ASN A 201 11.74 14.26 6.14
C ASN A 201 13.23 14.57 5.95
N PHE A 202 13.54 15.27 4.87
CA PHE A 202 14.93 15.67 4.62
C PHE A 202 14.94 16.71 3.53
N ASP A 203 16.08 17.39 3.37
CA ASP A 203 16.27 18.29 2.25
C ASP A 203 16.48 17.48 0.97
N ALA A 204 15.43 17.38 0.16
CA ALA A 204 15.46 16.56 -1.04
C ALA A 204 15.88 17.37 -2.26
N GLY A 205 16.23 18.63 -2.06
CA GLY A 205 16.62 19.48 -3.16
C GLY A 205 15.42 19.97 -3.96
N THR A 206 15.68 20.55 -5.12
CA THR A 206 14.64 21.25 -5.88
C THR A 206 14.20 20.53 -7.15
N ALA A 207 14.80 19.37 -7.43
CA ALA A 207 14.57 18.69 -8.71
C ALA A 207 13.11 18.34 -8.99
N ALA A 208 12.37 17.97 -7.94
CA ALA A 208 10.98 17.54 -8.12
C ALA A 208 10.04 18.72 -8.39
N HIS A 209 10.58 19.93 -8.27
CA HIS A 209 9.78 21.14 -8.45
C HIS A 209 10.07 21.82 -9.79
N ARG A 210 11.07 21.31 -10.49
CA ARG A 210 11.50 21.91 -11.74
C ARG A 210 10.58 21.50 -12.89
N ARG A 211 10.04 22.49 -13.59
CA ARG A 211 9.19 22.23 -14.75
C ARG A 211 10.00 22.10 -16.03
N THR A 212 9.92 20.94 -16.67
CA THR A 212 10.57 20.69 -17.94
C THR A 212 9.60 19.99 -18.88
N GLN A 213 9.48 20.50 -20.10
CA GLN A 213 8.55 19.93 -21.07
C GLN A 213 8.84 18.47 -21.37
N GLY A 214 7.79 17.65 -21.39
CA GLY A 214 7.90 16.24 -21.72
C GLY A 214 8.66 15.40 -20.70
N VAL A 215 8.96 16.00 -19.55
CA VAL A 215 9.69 15.31 -18.49
C VAL A 215 8.91 15.34 -17.18
N SER A 216 8.94 14.21 -16.47
CA SER A 216 8.38 14.16 -15.13
C SER A 216 9.47 14.55 -14.11
N ALA A 217 9.26 15.66 -13.41
CA ALA A 217 10.25 16.16 -12.47
C ALA A 217 10.42 15.17 -11.32
N VAL A 218 9.32 14.50 -10.97
CA VAL A 218 9.33 13.53 -9.88
C VAL A 218 10.22 12.32 -10.24
N ALA A 219 10.12 11.87 -11.49
CA ALA A 219 10.98 10.79 -11.97
C ALA A 219 12.44 11.25 -12.06
N ASP A 220 12.65 12.48 -12.55
CA ASP A 220 14.01 13.01 -12.63
C ASP A 220 14.63 13.12 -11.23
N HIS A 221 13.84 13.61 -10.29
CA HIS A 221 14.28 13.79 -8.90
C HIS A 221 14.73 12.46 -8.29
N THR A 222 13.88 11.44 -8.42
CA THR A 222 14.17 10.16 -7.76
C THR A 222 15.32 9.39 -8.41
N ALA A 223 15.51 9.56 -9.71
CA ALA A 223 16.63 8.92 -10.41
C ALA A 223 17.96 9.43 -9.84
N ARG A 224 17.95 10.67 -9.35
CA ARG A 224 19.12 11.27 -8.73
C ARG A 224 19.23 10.87 -7.26
N GLU A 225 18.10 10.85 -6.57
CA GLU A 225 18.08 10.67 -5.13
C GLU A 225 18.13 9.21 -4.67
N PHE A 226 17.50 8.32 -5.43
CA PHE A 226 17.35 6.93 -5.03
C PHE A 226 18.55 6.12 -5.49
N ALA A 227 18.94 5.13 -4.70
CA ALA A 227 19.88 4.11 -5.16
C ALA A 227 19.13 2.79 -5.25
N PRO A 228 19.47 1.95 -6.22
CA PRO A 228 18.86 0.63 -6.26
C PRO A 228 19.16 -0.13 -4.99
N ALA A 229 18.14 -0.72 -4.38
CA ALA A 229 18.33 -1.54 -3.19
C ALA A 229 18.72 -2.95 -3.60
N THR A 230 19.50 -3.60 -2.75
CA THR A 230 19.86 -5.01 -2.94
C THR A 230 19.62 -5.82 -1.67
N TRP A 231 19.84 -7.13 -1.76
CA TRP A 231 19.76 -7.98 -0.57
C TRP A 231 20.71 -7.53 0.53
N GLU A 232 21.83 -6.93 0.15
CA GLU A 232 22.73 -6.35 1.13
CA GLU A 232 22.74 -6.33 1.10
C GLU A 232 22.06 -5.18 1.87
N SER A 233 21.30 -4.37 1.15
CA SER A 233 20.57 -3.27 1.77
C SER A 233 19.56 -3.79 2.79
N VAL A 234 18.85 -4.86 2.43
CA VAL A 234 17.91 -5.50 3.35
C VAL A 234 18.58 -5.95 4.63
N GLU A 235 19.76 -6.56 4.51
CA GLU A 235 20.48 -6.99 5.69
C GLU A 235 20.94 -5.78 6.53
N ALA A 236 21.35 -4.70 5.88
CA ALA A 236 21.75 -3.49 6.61
C ALA A 236 20.56 -2.95 7.42
N VAL A 237 19.37 -2.95 6.82
CA VAL A 237 18.19 -2.48 7.54
C VAL A 237 17.84 -3.42 8.69
N ARG A 238 17.85 -4.73 8.42
CA ARG A 238 17.51 -5.74 9.43
C ARG A 238 18.45 -5.64 10.64
N ALA A 239 19.71 -5.31 10.38
CA ALA A 239 20.69 -5.18 11.46
C ALA A 239 20.52 -3.87 12.24
N HIS A 240 19.83 -2.90 11.65
CA HIS A 240 19.73 -1.56 12.22
C HIS A 240 18.51 -1.38 13.11
N THR A 241 17.57 -2.33 13.07
CA THR A 241 16.32 -2.20 13.81
C THR A 241 15.83 -3.54 14.36
N ASP A 242 15.08 -3.48 15.46
CA ASP A 242 14.39 -4.65 15.99
C ASP A 242 12.98 -4.79 15.38
N LEU A 243 12.55 -3.79 14.63
CA LEU A 243 11.22 -3.84 14.03
C LEU A 243 11.16 -4.84 12.91
N PRO A 244 9.97 -5.42 12.68
CA PRO A 244 9.83 -6.27 11.51
C PRO A 244 10.06 -5.50 10.22
N VAL A 245 10.82 -6.12 9.31
CA VAL A 245 11.08 -5.55 8.01
C VAL A 245 10.17 -6.25 7.00
N VAL A 246 9.45 -5.45 6.24
CA VAL A 246 8.47 -5.96 5.28
C VAL A 246 8.91 -5.52 3.90
N LEU A 247 9.15 -6.45 2.97
CA LEU A 247 9.64 -6.08 1.63
C LEU A 247 8.46 -5.88 0.68
N LYS A 248 8.28 -4.66 0.18
CA LYS A 248 7.13 -4.32 -0.65
C LYS A 248 7.53 -4.27 -2.11
N GLY A 249 6.84 -5.08 -2.92
CA GLY A 249 7.08 -5.14 -4.36
C GLY A 249 7.64 -6.48 -4.82
N ILE A 250 7.42 -7.54 -4.05
CA ILE A 250 7.89 -8.87 -4.41
C ILE A 250 6.85 -9.50 -5.32
N LEU A 251 7.29 -10.07 -6.44
CA LEU A 251 6.40 -10.84 -7.32
C LEU A 251 6.89 -12.26 -7.66
N ALA A 252 8.20 -12.48 -7.66
CA ALA A 252 8.74 -13.81 -7.98
C ALA A 252 8.71 -14.70 -6.76
N VAL A 253 8.31 -15.97 -6.94
CA VAL A 253 8.23 -16.91 -5.85
C VAL A 253 9.56 -17.05 -5.15
N GLU A 254 10.63 -17.08 -5.94
CA GLU A 254 11.94 -17.25 -5.35
C GLU A 254 12.38 -16.03 -4.53
N ASP A 255 11.89 -14.84 -4.90
CA ASP A 255 12.18 -13.65 -4.10
C ASP A 255 11.38 -13.68 -2.79
N ALA A 256 10.18 -14.24 -2.80
CA ALA A 256 9.43 -14.39 -1.57
C ALA A 256 10.13 -15.36 -0.62
N ARG A 257 10.60 -16.48 -1.16
N ARG A 257 10.61 -16.47 -1.16
CA ARG A 257 11.36 -17.42 -0.32
CA ARG A 257 11.33 -17.45 -0.34
C ARG A 257 12.60 -16.77 0.24
C ARG A 257 12.63 -16.86 0.19
N ARG A 258 13.34 -16.09 -0.62
CA ARG A 258 14.54 -15.44 -0.18
C ARG A 258 14.26 -14.38 0.89
N ALA A 259 13.12 -13.67 0.77
CA ALA A 259 12.74 -12.70 1.78
C ALA A 259 12.62 -13.37 3.14
N VAL A 260 11.98 -14.53 3.19
CA VAL A 260 11.90 -15.26 4.45
C VAL A 260 13.29 -15.63 4.99
N ASP A 261 14.14 -16.15 4.10
CA ASP A 261 15.49 -16.55 4.48
C ASP A 261 16.30 -15.35 4.97
N ALA A 262 16.00 -14.17 4.43
CA ALA A 262 16.67 -12.93 4.79
C ALA A 262 16.19 -12.36 6.11
N GLY A 263 15.16 -12.95 6.71
CA GLY A 263 14.67 -12.47 7.99
C GLY A 263 13.54 -11.46 7.89
N ALA A 264 12.94 -11.30 6.73
CA ALA A 264 11.78 -10.42 6.62
C ALA A 264 10.63 -10.94 7.47
N GLY A 265 9.95 -10.00 8.14
CA GLY A 265 8.73 -10.32 8.85
C GLY A 265 7.50 -10.36 7.96
N GLY A 266 7.61 -9.79 6.77
CA GLY A 266 6.51 -9.83 5.82
C GLY A 266 6.97 -9.40 4.45
N ILE A 267 6.08 -9.61 3.48
CA ILE A 267 6.27 -9.08 2.12
C ILE A 267 4.94 -8.52 1.65
N VAL A 268 5.01 -7.58 0.72
CA VAL A 268 3.80 -7.14 0.03
C VAL A 268 3.96 -7.54 -1.42
N VAL A 269 3.11 -8.46 -1.86
CA VAL A 269 3.08 -8.94 -3.22
C VAL A 269 2.38 -7.88 -4.06
N SER A 270 3.10 -7.26 -4.99
CA SER A 270 2.66 -5.98 -5.53
C SER A 270 3.44 -5.64 -6.79
N ASN A 271 2.76 -5.06 -7.78
CA ASN A 271 3.48 -4.45 -8.91
C ASN A 271 3.44 -2.92 -8.82
N HIS A 272 3.29 -2.39 -7.61
CA HIS A 272 3.33 -0.95 -7.35
C HIS A 272 2.21 -0.24 -8.11
N GLY A 273 1.02 -0.83 -8.11
CA GLY A 273 -0.13 -0.18 -8.72
C GLY A 273 0.00 0.01 -10.22
N GLY A 274 0.83 -0.81 -10.87
CA GLY A 274 1.01 -0.70 -12.29
C GLY A 274 1.83 0.51 -12.70
N ARG A 275 2.60 1.06 -11.77
CA ARG A 275 3.35 2.30 -11.99
C ARG A 275 4.83 2.11 -12.26
N GLN A 276 5.31 0.87 -12.11
CA GLN A 276 6.73 0.57 -12.24
C GLN A 276 6.97 -0.17 -13.55
N LEU A 277 7.20 -1.49 -13.55
CA LEU A 277 7.35 -2.17 -14.84
C LEU A 277 6.00 -2.37 -15.50
N ASP A 278 5.81 -1.79 -16.69
CA ASP A 278 4.58 -2.03 -17.44
C ASP A 278 4.69 -3.41 -18.08
N GLY A 279 3.75 -4.29 -17.76
CA GLY A 279 3.88 -5.69 -18.12
C GLY A 279 4.22 -6.59 -16.95
N ALA A 280 4.51 -6.02 -15.79
CA ALA A 280 4.63 -6.81 -14.56
C ALA A 280 3.31 -7.47 -14.22
N VAL A 281 3.39 -8.75 -13.91
CA VAL A 281 2.25 -9.51 -13.44
C VAL A 281 1.59 -8.84 -12.20
N PRO A 282 0.25 -8.91 -12.12
CA PRO A 282 -0.41 -8.42 -10.88
C PRO A 282 -0.03 -9.27 -9.68
N GLY A 283 0.12 -8.64 -8.52
CA GLY A 283 0.36 -9.38 -7.31
C GLY A 283 -0.69 -10.44 -7.03
N ILE A 284 -1.97 -10.13 -7.29
CA ILE A 284 -3.03 -11.07 -7.03
CA ILE A 284 -3.03 -11.08 -7.04
C ILE A 284 -2.85 -12.38 -7.82
N GLU A 285 -2.16 -12.31 -8.98
CA GLU A 285 -1.91 -13.50 -9.79
C GLU A 285 -0.79 -14.38 -9.23
N MET A 286 0.10 -13.79 -8.45
CA MET A 286 1.22 -14.54 -7.84
C MET A 286 0.97 -14.94 -6.40
N LEU A 287 -0.09 -14.38 -5.81
CA LEU A 287 -0.30 -14.51 -4.37
C LEU A 287 -0.43 -15.94 -3.88
N GLY A 288 -1.27 -16.75 -4.53
CA GLY A 288 -1.46 -18.11 -4.07
C GLY A 288 -0.17 -18.91 -4.08
N GLU A 289 0.58 -18.78 -5.16
CA GLU A 289 1.85 -19.51 -5.28
C GLU A 289 2.84 -19.06 -4.22
N ILE A 290 2.87 -17.76 -3.96
CA ILE A 290 3.74 -17.20 -2.95
C ILE A 290 3.38 -17.64 -1.53
N VAL A 291 2.09 -17.64 -1.23
CA VAL A 291 1.64 -18.11 0.08
C VAL A 291 2.04 -19.57 0.32
N ALA A 292 1.88 -20.41 -0.69
CA ALA A 292 2.29 -21.81 -0.57
C ALA A 292 3.81 -21.93 -0.34
N ALA A 293 4.59 -21.16 -1.08
CA ALA A 293 6.04 -21.27 -0.99
C ALA A 293 6.59 -20.78 0.35
N VAL A 294 5.99 -19.75 0.93
N VAL A 294 5.91 -19.78 0.89
CA VAL A 294 6.56 -19.26 2.19
CA VAL A 294 6.29 -19.11 2.13
C VAL A 294 6.08 -20.10 3.37
C VAL A 294 6.03 -19.97 3.37
N SER A 295 4.91 -20.73 3.19
N SER A 295 5.06 -20.89 3.27
CA SER A 295 4.39 -21.70 4.14
CA SER A 295 4.73 -21.83 4.34
C SER A 295 4.48 -21.23 5.60
C SER A 295 4.60 -21.18 5.72
N GLY A 296 3.93 -20.04 5.81
CA GLY A 296 3.78 -19.41 7.11
C GLY A 296 5.03 -18.72 7.64
N GLY A 297 6.09 -18.63 6.84
CA GLY A 297 7.35 -18.08 7.32
C GLY A 297 7.39 -16.56 7.50
N CYS A 298 6.45 -15.86 6.88
CA CYS A 298 6.29 -14.42 7.09
C CYS A 298 4.85 -14.04 6.73
N GLU A 299 4.44 -12.84 7.10
CA GLU A 299 3.15 -12.33 6.66
C GLU A 299 3.22 -12.07 5.17
N VAL A 300 2.13 -12.37 4.44
CA VAL A 300 2.09 -12.10 3.02
C VAL A 300 0.92 -11.18 2.74
N LEU A 301 1.23 -9.92 2.44
CA LEU A 301 0.23 -8.94 2.08
C LEU A 301 0.17 -8.80 0.56
N VAL A 302 -0.90 -8.19 0.06
CA VAL A 302 -1.02 -7.96 -1.37
C VAL A 302 -1.63 -6.59 -1.57
N ASP A 303 -1.32 -5.96 -2.68
CA ASP A 303 -2.03 -4.74 -3.07
C ASP A 303 -2.22 -4.66 -4.56
N GLY A 304 -2.90 -3.62 -5.01
CA GLY A 304 -3.15 -3.40 -6.42
C GLY A 304 -4.61 -3.59 -6.73
N GLY A 305 -5.37 -2.51 -6.87
CA GLY A 305 -6.76 -2.64 -7.30
C GLY A 305 -7.80 -3.12 -6.29
N ILE A 306 -7.46 -3.15 -5.00
CA ILE A 306 -8.46 -3.51 -4.00
C ILE A 306 -9.48 -2.35 -3.93
N ARG A 307 -10.75 -2.62 -4.24
CA ARG A 307 -11.72 -1.53 -4.39
C ARG A 307 -13.03 -1.84 -3.68
N SER A 308 -13.03 -2.85 -2.82
CA SER A 308 -14.22 -3.21 -2.07
C SER A 308 -13.91 -4.25 -1.00
N GLY A 309 -14.84 -4.44 -0.07
CA GLY A 309 -14.72 -5.50 0.90
C GLY A 309 -14.73 -6.86 0.22
N GLY A 310 -15.47 -7.01 -0.87
CA GLY A 310 -15.42 -8.27 -1.60
C GLY A 310 -14.03 -8.53 -2.17
N ASP A 311 -13.33 -7.49 -2.60
CA ASP A 311 -11.96 -7.67 -3.07
C ASP A 311 -11.04 -8.08 -1.93
N VAL A 312 -11.23 -7.51 -0.75
CA VAL A 312 -10.50 -7.94 0.43
C VAL A 312 -10.73 -9.42 0.69
N LEU A 313 -11.98 -9.84 0.59
CA LEU A 313 -12.29 -11.24 0.79
C LEU A 313 -11.56 -12.12 -0.23
N LYS A 314 -11.55 -11.71 -1.50
CA LYS A 314 -10.85 -12.49 -2.52
C LYS A 314 -9.37 -12.62 -2.17
N ALA A 315 -8.73 -11.52 -1.78
CA ALA A 315 -7.32 -11.55 -1.42
C ALA A 315 -7.09 -12.49 -0.25
N THR A 316 -7.94 -12.44 0.77
CA THR A 316 -7.82 -13.30 1.92
CA THR A 316 -7.74 -13.32 1.90
C THR A 316 -7.97 -14.77 1.51
N ALA A 317 -8.98 -15.04 0.67
CA ALA A 317 -9.24 -16.41 0.21
C ALA A 317 -8.08 -16.97 -0.58
N LEU A 318 -7.35 -16.10 -1.28
CA LEU A 318 -6.12 -16.52 -1.99
C LEU A 318 -4.93 -16.66 -1.05
N GLY A 319 -5.08 -16.28 0.22
CA GLY A 319 -4.08 -16.55 1.23
C GLY A 319 -3.45 -15.33 1.87
N ALA A 320 -3.81 -14.11 1.45
CA ALA A 320 -3.20 -12.92 2.02
C ALA A 320 -3.48 -12.78 3.52
N SER A 321 -2.48 -12.29 4.25
CA SER A 321 -2.64 -11.88 5.64
C SER A 321 -3.47 -10.61 5.77
N ALA A 322 -3.27 -9.70 4.80
CA ALA A 322 -3.91 -8.39 4.77
C ALA A 322 -3.65 -7.77 3.41
N VAL A 323 -4.37 -6.71 3.12
CA VAL A 323 -4.18 -5.99 1.87
C VAL A 323 -3.71 -4.58 2.19
N LEU A 324 -3.11 -3.93 1.22
CA LEU A 324 -2.98 -2.45 1.25
C LEU A 324 -3.94 -1.83 0.27
N VAL A 325 -4.40 -0.61 0.59
CA VAL A 325 -5.24 0.16 -0.29
C VAL A 325 -4.59 1.53 -0.51
N GLY A 326 -4.40 1.94 -1.77
CA GLY A 326 -3.67 3.16 -2.08
C GLY A 326 -4.58 4.22 -2.64
N ARG A 327 -4.80 4.17 -3.95
CA ARG A 327 -5.58 5.25 -4.61
C ARG A 327 -6.91 5.63 -3.93
N PRO A 328 -7.74 4.65 -3.51
CA PRO A 328 -9.04 5.05 -2.93
C PRO A 328 -8.90 5.91 -1.68
N VAL A 329 -7.83 5.72 -0.91
CA VAL A 329 -7.64 6.53 0.29
C VAL A 329 -7.39 7.97 -0.15
N MET A 330 -6.62 8.17 -1.22
CA MET A 330 -6.38 9.51 -1.75
C MET A 330 -7.64 10.12 -2.37
N TRP A 331 -8.50 9.31 -2.99
CA TRP A 331 -9.78 9.83 -3.50
C TRP A 331 -10.57 10.43 -2.33
N ALA A 332 -10.64 9.69 -1.24
CA ALA A 332 -11.42 10.08 -0.07
C ALA A 332 -10.82 11.35 0.54
N LEU A 333 -9.50 11.40 0.65
CA LEU A 333 -8.78 12.57 1.17
C LEU A 333 -9.05 13.81 0.29
N ALA A 334 -8.95 13.65 -1.02
CA ALA A 334 -9.21 14.76 -1.93
C ALA A 334 -10.67 15.24 -1.82
N ALA A 335 -11.59 14.30 -1.67
CA ALA A 335 -13.02 14.60 -1.70
C ALA A 335 -13.50 15.33 -0.46
N ALA A 336 -12.99 14.92 0.71
CA ALA A 336 -13.54 15.43 1.97
C ALA A 336 -12.58 15.38 3.15
N GLY A 337 -11.28 15.35 2.88
CA GLY A 337 -10.30 15.40 3.95
C GLY A 337 -10.39 14.25 4.94
N GLN A 338 -10.14 14.54 6.21
CA GLN A 338 -10.18 13.51 7.24
C GLN A 338 -11.52 12.79 7.29
N ASP A 339 -12.62 13.54 7.19
CA ASP A 339 -13.96 12.97 7.20
CA ASP A 339 -13.91 12.90 7.26
C ASP A 339 -14.18 12.04 6.03
N GLY A 340 -13.61 12.40 4.89
CA GLY A 340 -13.70 11.55 3.71
C GLY A 340 -13.01 10.22 3.94
N VAL A 341 -11.79 10.27 4.49
CA VAL A 341 -11.08 9.03 4.78
C VAL A 341 -11.83 8.20 5.80
N ARG A 342 -12.36 8.83 6.84
CA ARG A 342 -13.20 8.14 7.81
C ARG A 342 -14.36 7.41 7.12
N GLN A 343 -15.04 8.09 6.23
CA GLN A 343 -16.19 7.48 5.57
C GLN A 343 -15.74 6.30 4.71
N LEU A 344 -14.61 6.45 4.03
CA LEU A 344 -14.09 5.36 3.20
C LEU A 344 -13.80 4.15 4.06
N LEU A 345 -13.12 4.34 5.19
CA LEU A 345 -12.78 3.22 6.04
C LEU A 345 -13.99 2.57 6.68
N GLU A 346 -15.01 3.37 7.01
CA GLU A 346 -16.23 2.82 7.58
C GLU A 346 -16.95 1.97 6.52
N LEU A 347 -16.95 2.45 5.28
CA LEU A 347 -17.57 1.72 4.18
C LEU A 347 -16.84 0.41 3.94
N LEU A 348 -15.51 0.48 3.88
CA LEU A 348 -14.73 -0.74 3.69
CA LEU A 348 -14.72 -0.72 3.69
C LEU A 348 -14.94 -1.72 4.83
N ALA A 349 -14.97 -1.22 6.06
CA ALA A 349 -15.22 -2.09 7.19
C ALA A 349 -16.57 -2.79 7.06
N GLU A 350 -17.60 -2.06 6.68
CA GLU A 350 -18.92 -2.67 6.52
C GLU A 350 -18.91 -3.71 5.40
N GLU A 351 -18.25 -3.38 4.29
CA GLU A 351 -18.22 -4.29 3.14
C GLU A 351 -17.44 -5.57 3.50
N VAL A 352 -16.37 -5.45 4.28
CA VAL A 352 -15.61 -6.61 4.71
C VAL A 352 -16.41 -7.53 5.62
N ARG A 353 -17.09 -6.93 6.60
CA ARG A 353 -17.94 -7.69 7.52
C ARG A 353 -19.05 -8.39 6.74
N ASP A 354 -19.68 -7.65 5.85
CA ASP A 354 -20.73 -8.18 4.98
C ASP A 354 -20.25 -9.36 4.14
N ALA A 355 -19.15 -9.18 3.44
CA ALA A 355 -18.63 -10.24 2.58
C ALA A 355 -18.24 -11.47 3.39
N MET A 356 -17.57 -11.25 4.52
CA MET A 356 -17.16 -12.39 5.34
C MET A 356 -18.34 -13.21 5.82
N GLY A 357 -19.38 -12.54 6.30
CA GLY A 357 -20.53 -13.23 6.82
C GLY A 357 -21.29 -13.96 5.73
N LEU A 358 -21.50 -13.30 4.60
CA LEU A 358 -22.17 -13.94 3.49
C LEU A 358 -21.41 -15.16 3.00
N ALA A 359 -20.08 -15.16 3.19
CA ALA A 359 -19.24 -16.29 2.81
C ALA A 359 -19.03 -17.32 3.93
N GLY A 360 -19.74 -17.13 5.05
CA GLY A 360 -19.69 -18.10 6.14
C GLY A 360 -18.45 -18.04 7.02
N CYS A 361 -17.85 -16.86 7.09
CA CYS A 361 -16.60 -16.72 7.83
C CYS A 361 -16.74 -15.82 9.04
N GLU A 362 -16.54 -16.38 10.22
CA GLU A 362 -16.67 -15.60 11.45
C GLU A 362 -15.34 -14.92 11.79
N SER A 363 -14.26 -15.30 11.10
CA SER A 363 -12.94 -14.73 11.35
C SER A 363 -12.18 -14.64 10.05
N VAL A 364 -11.13 -13.83 10.02
CA VAL A 364 -10.27 -13.72 8.86
C VAL A 364 -9.56 -15.07 8.59
N GLY A 365 -9.20 -15.81 9.62
CA GLY A 365 -8.59 -17.12 9.42
C GLY A 365 -9.52 -18.03 8.63
N ALA A 366 -10.81 -17.99 8.93
CA ALA A 366 -11.78 -18.78 8.18
C ALA A 366 -11.85 -18.33 6.72
N ALA A 367 -11.78 -17.02 6.48
CA ALA A 367 -11.77 -16.52 5.13
C ALA A 367 -10.56 -17.01 4.34
N ARG A 368 -9.41 -17.14 5.01
CA ARG A 368 -8.21 -17.62 4.32
C ARG A 368 -8.37 -19.07 3.85
N ARG A 369 -9.29 -19.82 4.49
CA ARG A 369 -9.55 -21.20 4.13
C ARG A 369 -10.62 -21.36 3.05
N LEU A 370 -11.21 -20.25 2.61
CA LEU A 370 -12.15 -20.32 1.50
C LEU A 370 -11.44 -20.73 0.24
N ASN A 371 -12.16 -21.47 -0.60
CA ASN A 371 -11.70 -21.75 -1.95
C ASN A 371 -12.22 -20.74 -2.96
N THR A 372 -11.52 -20.67 -4.08
CA THR A 372 -11.87 -19.78 -5.18
C THR A 372 -11.90 -20.54 -6.48
N LYS A 373 -12.51 -19.91 -7.48
CA LYS A 373 -12.56 -20.48 -8.82
C LYS A 373 -12.33 -19.35 -9.78
N LEU A 374 -11.49 -19.55 -10.80
CA LEU A 374 -11.41 -18.55 -11.86
C LEU A 374 -12.61 -18.63 -12.80
N GLY A 375 -13.08 -17.47 -13.23
CA GLY A 375 -14.16 -17.38 -14.21
C GLY A 375 -13.72 -16.48 -15.35
N VAL A 376 -14.65 -16.09 -16.22
CA VAL A 376 -14.33 -15.22 -17.35
C VAL A 376 -14.91 -13.82 -17.18
#